data_5XHS
#
_entry.id   5XHS
#
_cell.length_a   42.130
_cell.length_b   55.274
_cell.length_c   124.303
_cell.angle_alpha   90.00
_cell.angle_beta   90.00
_cell.angle_gamma   90.00
#
_symmetry.space_group_name_H-M   'P 21 2 21'
#
loop_
_entity.id
_entity.type
_entity.pdbx_description
1 polymer 'NAD-dependent protein deacylase sirtuin-5, mitochondrial'
2 non-polymer 'benzyl chlorocarbonate'
3 non-polymer '(2S)-2-azanyl-6-[(4-hydroxy-4-oxo-butanoyl)amino]hexanoic acid'
4 non-polymer 7-AMINO-4-METHYL-CHROMEN-2-ONE
5 non-polymer 'ZINC ION'
6 water water
#
_entity_poly.entity_id   1
_entity_poly.type   'polypeptide(L)'
_entity_poly.pdbx_seq_one_letter_code
;MGHHHHHHSGENLYFQGASARPSSSMADFRKFFAKAKHIVIISGAGVSAESGVPTFRGAGGYWRKWQAQDLATPLAFAHN
PSRVWEFYHYRREVMGSKEPNAGHRAIAECETRLGKQGRRVVVITQNIDELHRKAGTKNLLEIHGSLFKTRCTSCGVVAE
NYKSPICPALSGKGAPEPGTQDASIPVEKLPRCEEAGCGGLLRPHVVWFGENLDPAILEEVDRELAHCDLCLVVGTSSVV
YPAAMFAPQVAARGVPVAEFNTETTPATNRFRFHFQGPCGTTLPEALA
;
_entity_poly.pdbx_strand_id   A
#
# COMPACT_ATOMS: atom_id res chain seq x y z
N PRO A 22 -27.30 1.80 -4.07
CA PRO A 22 -26.18 1.09 -4.68
C PRO A 22 -26.39 -0.42 -4.73
N SER A 23 -26.28 -1.02 -5.91
CA SER A 23 -26.63 -2.43 -6.08
C SER A 23 -25.64 -3.36 -5.36
N SER A 24 -26.18 -4.48 -4.88
CA SER A 24 -25.38 -5.59 -4.36
C SER A 24 -25.54 -6.83 -5.24
N SER A 25 -25.91 -6.65 -6.51
CA SER A 25 -26.12 -7.78 -7.41
C SER A 25 -24.80 -8.24 -7.99
N MET A 26 -24.21 -9.28 -7.37
CA MET A 26 -22.99 -9.86 -7.90
C MET A 26 -23.14 -10.20 -9.37
N ALA A 27 -24.32 -10.66 -9.78
CA ALA A 27 -24.47 -11.16 -11.13
C ALA A 27 -24.50 -10.01 -12.13
N ASP A 28 -25.08 -8.88 -11.73
CA ASP A 28 -24.97 -7.67 -12.54
C ASP A 28 -23.54 -7.19 -12.62
N PHE A 29 -22.83 -7.17 -11.49
CA PHE A 29 -21.45 -6.71 -11.53
C PHE A 29 -20.63 -7.59 -12.47
N ARG A 30 -20.85 -8.92 -12.42
CA ARG A 30 -20.10 -9.83 -13.28
C ARG A 30 -20.37 -9.56 -14.76
N LYS A 31 -21.54 -9.02 -15.10
CA LYS A 31 -21.81 -8.70 -16.50
C LYS A 31 -20.94 -7.54 -16.95
N PHE A 32 -20.82 -6.50 -16.12
CA PHE A 32 -19.87 -5.44 -16.40
C PHE A 32 -18.45 -5.99 -16.46
N PHE A 33 -18.10 -6.83 -15.48
CA PHE A 33 -16.72 -7.31 -15.35
C PHE A 33 -16.32 -8.13 -16.56
N ALA A 34 -17.21 -8.99 -17.07
CA ALA A 34 -16.91 -9.76 -18.27
C ALA A 34 -16.59 -8.88 -19.46
N LYS A 35 -17.11 -7.65 -19.51
CA LYS A 35 -16.93 -6.82 -20.68
C LYS A 35 -15.81 -5.80 -20.52
N ALA A 36 -15.22 -5.69 -19.34
CA ALA A 36 -14.29 -4.62 -19.04
C ALA A 36 -12.93 -4.93 -19.65
N LYS A 37 -12.31 -3.90 -20.24
CA LYS A 37 -11.02 -4.01 -20.87
C LYS A 37 -9.91 -3.26 -20.15
N HIS A 38 -10.27 -2.40 -19.19
CA HIS A 38 -9.26 -1.60 -18.49
C HIS A 38 -9.80 -1.34 -17.09
N ILE A 39 -9.45 -2.25 -16.17
CA ILE A 39 -9.95 -2.21 -14.79
C ILE A 39 -8.91 -1.56 -13.89
N VAL A 40 -9.34 -0.55 -13.14
CA VAL A 40 -8.57 0.06 -12.08
C VAL A 40 -9.06 -0.51 -10.77
N ILE A 41 -8.13 -0.95 -9.94
CA ILE A 41 -8.42 -1.52 -8.64
C ILE A 41 -7.69 -0.67 -7.63
N ILE A 42 -8.43 0.14 -6.89
CA ILE A 42 -7.89 0.95 -5.81
C ILE A 42 -7.88 0.09 -4.55
N SER A 43 -6.70 -0.21 -4.03
CA SER A 43 -6.55 -1.12 -2.90
C SER A 43 -6.17 -0.34 -1.64
N GLY A 44 -6.96 -0.52 -0.58
CA GLY A 44 -6.77 0.18 0.67
C GLY A 44 -6.28 -0.74 1.77
N ALA A 45 -6.17 -0.14 2.97
CA ALA A 45 -5.62 -0.80 4.15
C ALA A 45 -6.36 -2.06 4.57
N GLY A 46 -7.66 -2.20 4.24
CA GLY A 46 -8.38 -3.42 4.62
C GLY A 46 -7.78 -4.67 4.01
N VAL A 47 -7.25 -4.56 2.80
CA VAL A 47 -6.66 -5.70 2.12
C VAL A 47 -5.44 -6.18 2.91
N SER A 48 -4.68 -5.23 3.46
CA SER A 48 -3.53 -5.57 4.29
C SER A 48 -3.96 -6.07 5.67
N ALA A 49 -4.97 -5.45 6.29
CA ALA A 49 -5.41 -5.97 7.58
C ALA A 49 -5.90 -7.41 7.47
N GLU A 50 -6.40 -7.81 6.31
CA GLU A 50 -6.84 -9.19 6.21
C GLU A 50 -5.68 -10.17 6.15
N SER A 51 -4.45 -9.69 5.95
CA SER A 51 -3.27 -10.53 6.03
C SER A 51 -2.56 -10.40 7.37
N GLY A 52 -3.19 -9.73 8.33
CA GLY A 52 -2.57 -9.57 9.63
C GLY A 52 -1.49 -8.53 9.66
N VAL A 53 -1.45 -7.60 8.72
CA VAL A 53 -0.35 -6.66 8.67
C VAL A 53 -0.74 -5.51 9.58
N PRO A 54 0.06 -5.19 10.60
CA PRO A 54 -0.30 -4.08 11.48
C PRO A 54 -0.14 -2.75 10.76
N THR A 55 -1.07 -1.85 11.04
CA THR A 55 -1.11 -0.57 10.36
C THR A 55 -0.69 0.59 11.25
N PHE A 56 -0.76 0.40 12.57
CA PHE A 56 -0.45 1.46 13.54
C PHE A 56 -1.21 2.74 13.23
N ARG A 57 -2.44 2.59 12.75
CA ARG A 57 -3.30 3.73 12.40
C ARG A 57 -4.57 3.78 13.24
N GLY A 58 -5.31 2.68 13.35
CA GLY A 58 -6.66 2.77 13.88
C GLY A 58 -6.70 2.97 15.38
N ALA A 59 -7.91 2.91 15.92
CA ALA A 59 -8.08 2.68 17.35
C ALA A 59 -7.26 1.45 17.75
N GLY A 60 -6.48 1.58 18.82
CA GLY A 60 -5.70 0.46 19.31
C GLY A 60 -4.43 0.13 18.56
N GLY A 61 -4.16 0.75 17.41
CA GLY A 61 -2.99 0.41 16.62
C GLY A 61 -1.74 1.17 17.02
N TYR A 62 -0.96 0.67 18.00
CA TYR A 62 0.23 1.38 18.48
C TYR A 62 1.51 0.57 18.33
N TRP A 63 2.61 1.28 18.13
CA TRP A 63 3.98 0.76 18.21
C TRP A 63 4.64 1.49 19.38
N ARG A 64 5.00 0.74 20.43
CA ARG A 64 5.35 1.31 21.72
C ARG A 64 4.27 2.28 22.17
N LYS A 65 4.62 3.53 22.46
CA LYS A 65 3.64 4.55 22.82
C LYS A 65 3.19 5.42 21.63
N TRP A 66 3.53 5.04 20.39
CA TRP A 66 3.26 5.89 19.23
C TRP A 66 2.33 5.24 18.23
N GLN A 67 1.76 6.06 17.36
CA GLN A 67 1.06 5.59 16.16
C GLN A 67 1.79 6.13 14.94
N ALA A 68 1.30 5.75 13.75
CA ALA A 68 1.99 6.11 12.52
C ALA A 68 2.07 7.63 12.37
N GLN A 69 1.00 8.35 12.68
CA GLN A 69 1.01 9.79 12.55
C GLN A 69 2.01 10.48 13.48
N ASP A 70 2.53 9.79 14.50
CA ASP A 70 3.63 10.35 15.28
C ASP A 70 4.98 10.09 14.68
N LEU A 71 5.18 8.98 13.99
CA LEU A 71 6.51 8.63 13.51
C LEU A 71 6.70 8.78 12.02
N ALA A 72 5.64 8.63 11.22
CA ALA A 72 5.70 8.79 9.76
C ALA A 72 5.66 10.27 9.37
N THR A 73 6.63 11.03 9.85
CA THR A 73 6.66 12.44 9.54
C THR A 73 8.09 12.90 9.31
N PRO A 74 8.31 13.83 8.38
CA PRO A 74 9.66 14.40 8.23
C PRO A 74 10.23 14.94 9.54
N LEU A 75 9.41 15.63 10.33
CA LEU A 75 9.87 16.16 11.61
C LEU A 75 10.35 15.05 12.55
N ALA A 76 9.59 13.96 12.65
CA ALA A 76 10.00 12.84 13.49
C ALA A 76 11.31 12.22 13.00
N PHE A 77 11.41 11.94 11.69
CA PHE A 77 12.67 11.45 11.16
C PHE A 77 13.79 12.45 11.41
N ALA A 78 13.47 13.74 11.35
CA ALA A 78 14.47 14.77 11.57
C ALA A 78 14.95 14.75 13.01
N HIS A 79 14.02 14.70 13.97
CA HIS A 79 14.42 14.76 15.37
C HIS A 79 15.01 13.43 15.85
N ASN A 80 14.44 12.28 15.44
CA ASN A 80 14.86 10.98 15.99
C ASN A 80 14.89 9.89 14.91
N PRO A 81 15.86 9.96 14.00
CA PRO A 81 15.86 9.01 12.89
C PRO A 81 16.06 7.58 13.34
N SER A 82 16.80 7.34 14.42
CA SER A 82 16.94 5.99 14.94
C SER A 82 15.58 5.41 15.31
N ARG A 83 14.77 6.18 16.04
CA ARG A 83 13.44 5.71 16.46
C ARG A 83 12.58 5.42 15.25
N VAL A 84 12.61 6.32 14.27
CA VAL A 84 11.79 6.10 13.09
C VAL A 84 12.29 4.89 12.32
N TRP A 85 13.62 4.69 12.26
CA TRP A 85 14.12 3.50 11.57
C TRP A 85 13.76 2.24 12.33
N GLU A 86 13.76 2.30 13.67
CA GLU A 86 13.34 1.13 14.47
C GLU A 86 11.93 0.73 14.12
N PHE A 87 11.02 1.72 14.09
CA PHE A 87 9.63 1.52 13.68
C PHE A 87 9.54 0.82 12.33
N TYR A 88 10.24 1.35 11.33
CA TYR A 88 10.19 0.78 9.98
C TYR A 88 10.98 -0.53 9.85
N HIS A 89 12.06 -0.69 10.63
CA HIS A 89 12.73 -1.97 10.68
C HIS A 89 11.77 -3.05 11.18
N TYR A 90 11.02 -2.73 12.22
CA TYR A 90 10.05 -3.69 12.74
C TYR A 90 9.04 -4.06 11.68
N ARG A 91 8.54 -3.07 10.95
CA ARG A 91 7.52 -3.36 9.96
C ARG A 91 8.06 -4.20 8.81
N ARG A 92 9.33 -4.00 8.42
CA ARG A 92 9.97 -4.85 7.40
C ARG A 92 10.07 -6.31 7.87
N GLU A 93 10.64 -6.53 9.04
CA GLU A 93 10.93 -7.89 9.49
C GLU A 93 9.65 -8.66 9.76
N VAL A 94 8.64 -7.95 10.28
CA VAL A 94 7.31 -8.53 10.49
C VAL A 94 6.79 -9.22 9.23
N MET A 95 7.19 -8.74 8.05
CA MET A 95 6.64 -9.26 6.79
C MET A 95 7.10 -10.69 6.49
N GLY A 96 8.15 -11.17 7.15
CA GLY A 96 8.59 -12.53 6.94
C GLY A 96 7.61 -13.58 7.38
N SER A 97 6.61 -13.21 8.18
CA SER A 97 5.60 -14.14 8.63
C SER A 97 4.22 -13.84 8.07
N LYS A 98 4.11 -12.95 7.08
CA LYS A 98 2.83 -12.58 6.50
C LYS A 98 2.75 -13.04 5.05
N GLU A 99 1.53 -13.32 4.61
CA GLU A 99 1.22 -13.87 3.29
C GLU A 99 0.09 -13.09 2.64
N PRO A 100 0.09 -13.01 1.32
CA PRO A 100 -1.08 -12.43 0.62
C PRO A 100 -2.31 -13.27 0.93
N ASN A 101 -3.44 -12.61 1.09
CA ASN A 101 -4.69 -13.31 1.32
C ASN A 101 -5.44 -13.54 -0.01
N ALA A 102 -6.63 -14.14 0.11
CA ALA A 102 -7.39 -14.50 -1.08
C ALA A 102 -7.77 -13.27 -1.88
N GLY A 103 -7.84 -12.10 -1.25
CA GLY A 103 -8.10 -10.90 -2.00
C GLY A 103 -6.93 -10.51 -2.88
N HIS A 104 -5.74 -10.43 -2.28
CA HIS A 104 -4.53 -10.28 -3.09
C HIS A 104 -4.52 -11.24 -4.27
N ARG A 105 -4.74 -12.52 -3.98
CA ARG A 105 -4.57 -13.55 -5.00
C ARG A 105 -5.61 -13.37 -6.12
N ALA A 106 -6.85 -13.05 -5.75
CA ALA A 106 -7.89 -12.88 -6.74
C ALA A 106 -7.54 -11.73 -7.66
N ILE A 107 -6.89 -10.70 -7.11
CA ILE A 107 -6.55 -9.51 -7.89
C ILE A 107 -5.38 -9.82 -8.83
N ALA A 108 -4.36 -10.50 -8.33
CA ALA A 108 -3.24 -10.90 -9.19
C ALA A 108 -3.69 -11.89 -10.27
N GLU A 109 -4.43 -12.93 -9.88
CA GLU A 109 -4.92 -13.91 -10.86
C GLU A 109 -5.78 -13.24 -11.92
N CYS A 110 -6.48 -12.19 -11.52
CA CYS A 110 -7.32 -11.45 -12.46
C CYS A 110 -6.47 -10.74 -13.51
N GLU A 111 -5.45 -10.00 -13.06
CA GLU A 111 -4.51 -9.36 -13.98
C GLU A 111 -3.90 -10.36 -14.96
N THR A 112 -3.38 -11.49 -14.44
CA THR A 112 -2.76 -12.53 -15.28
C THR A 112 -3.73 -13.05 -16.34
N ARG A 113 -4.93 -13.44 -15.92
CA ARG A 113 -5.88 -14.01 -16.86
C ARG A 113 -6.26 -13.01 -17.95
N LEU A 114 -6.68 -11.82 -17.54
CA LEU A 114 -7.09 -10.79 -18.51
C LEU A 114 -5.92 -10.32 -19.37
N GLY A 115 -4.71 -10.34 -18.82
CA GLY A 115 -3.56 -9.94 -19.63
C GLY A 115 -3.38 -10.83 -20.84
N LYS A 116 -3.61 -12.14 -20.67
CA LYS A 116 -3.56 -13.06 -21.80
C LYS A 116 -4.62 -12.76 -22.85
N GLN A 117 -5.66 -12.01 -22.48
CA GLN A 117 -6.73 -11.64 -23.39
C GLN A 117 -6.58 -10.22 -23.93
N GLY A 118 -5.46 -9.56 -23.64
CA GLY A 118 -5.30 -8.19 -24.09
C GLY A 118 -6.05 -7.18 -23.28
N ARG A 119 -6.40 -7.51 -22.04
CA ARG A 119 -7.19 -6.64 -21.19
C ARG A 119 -6.34 -6.19 -20.02
N ARG A 120 -6.44 -4.91 -19.67
CA ARG A 120 -5.57 -4.31 -18.68
C ARG A 120 -6.20 -4.32 -17.30
N VAL A 121 -5.39 -4.65 -16.30
CA VAL A 121 -5.72 -4.51 -14.88
C VAL A 121 -4.58 -3.75 -14.23
N VAL A 122 -4.92 -2.76 -13.41
CA VAL A 122 -3.95 -1.97 -12.68
C VAL A 122 -4.42 -1.84 -11.24
N VAL A 123 -3.49 -1.99 -10.33
CA VAL A 123 -3.76 -1.87 -8.90
C VAL A 123 -3.11 -0.59 -8.44
N ILE A 124 -3.89 0.27 -7.81
CA ILE A 124 -3.42 1.52 -7.23
C ILE A 124 -3.55 1.35 -5.72
N THR A 125 -2.42 1.28 -4.98
CA THR A 125 -2.50 0.96 -3.55
C THR A 125 -1.78 1.98 -2.68
N GLN A 126 -2.43 2.31 -1.57
CA GLN A 126 -1.80 3.04 -0.49
C GLN A 126 -0.94 2.15 0.40
N ASN A 127 -1.06 0.82 0.28
CA ASN A 127 -0.35 -0.10 1.14
C ASN A 127 1.12 -0.13 0.77
N ILE A 128 1.98 -0.30 1.77
CA ILE A 128 3.41 -0.19 1.60
C ILE A 128 4.12 -1.52 1.86
N ASP A 129 3.36 -2.61 2.01
CA ASP A 129 3.91 -3.87 2.48
C ASP A 129 4.23 -4.85 1.34
N GLU A 130 3.90 -4.50 0.09
CA GLU A 130 4.21 -5.26 -1.11
C GLU A 130 3.51 -6.62 -1.21
N LEU A 131 2.45 -6.87 -0.43
CA LEU A 131 1.76 -8.14 -0.54
C LEU A 131 1.10 -8.32 -1.91
N HIS A 132 0.72 -7.24 -2.57
CA HIS A 132 0.24 -7.36 -3.96
C HIS A 132 1.33 -7.92 -4.86
N ARG A 133 2.56 -7.40 -4.75
CA ARG A 133 3.68 -7.91 -5.54
C ARG A 133 3.95 -9.36 -5.18
N LYS A 134 3.95 -9.67 -3.89
CA LYS A 134 4.20 -11.05 -3.46
C LYS A 134 3.14 -12.00 -4.01
N ALA A 135 1.91 -11.52 -4.20
CA ALA A 135 0.86 -12.32 -4.82
C ALA A 135 1.04 -12.46 -6.35
N GLY A 136 1.88 -11.65 -6.98
CA GLY A 136 2.10 -11.76 -8.42
C GLY A 136 1.64 -10.57 -9.24
N THR A 137 1.01 -9.58 -8.64
CA THR A 137 0.62 -8.38 -9.37
C THR A 137 1.85 -7.73 -9.97
N LYS A 138 1.81 -7.44 -11.26
CA LYS A 138 2.87 -6.70 -11.91
C LYS A 138 2.52 -5.25 -12.17
N ASN A 139 1.25 -4.96 -12.45
CA ASN A 139 0.81 -3.61 -12.78
C ASN A 139 0.34 -2.96 -11.49
N LEU A 140 1.28 -2.35 -10.77
CA LEU A 140 1.09 -1.85 -9.43
C LEU A 140 1.61 -0.42 -9.30
N LEU A 141 0.76 0.46 -8.78
CA LEU A 141 1.11 1.86 -8.46
C LEU A 141 1.02 2.00 -6.94
N GLU A 142 2.19 1.97 -6.29
CA GLU A 142 2.32 2.11 -4.84
C GLU A 142 2.41 3.60 -4.50
N ILE A 143 1.27 4.21 -4.20
CA ILE A 143 1.25 5.68 -4.10
C ILE A 143 1.83 6.18 -2.81
N HIS A 144 2.10 5.31 -1.84
CA HIS A 144 2.81 5.70 -0.63
C HIS A 144 4.23 5.11 -0.57
N GLY A 145 4.70 4.47 -1.64
CA GLY A 145 6.02 3.87 -1.63
C GLY A 145 5.99 2.46 -1.04
N SER A 146 7.10 2.06 -0.45
CA SER A 146 7.24 0.68 0.00
C SER A 146 8.21 0.60 1.18
N LEU A 147 7.86 -0.25 2.14
CA LEU A 147 8.78 -0.69 3.19
C LEU A 147 10.09 -1.19 2.62
N PHE A 148 10.08 -1.73 1.41
CA PHE A 148 11.25 -2.40 0.87
C PHE A 148 11.95 -1.58 -0.19
N LYS A 149 11.85 -0.25 -0.09
CA LYS A 149 12.62 0.68 -0.90
C LYS A 149 13.22 1.71 0.03
N THR A 150 14.46 2.12 -0.23
CA THR A 150 15.07 3.24 0.46
C THR A 150 15.16 4.42 -0.48
N ARG A 151 15.36 5.58 0.14
CA ARG A 151 15.69 6.79 -0.58
C ARG A 151 16.78 7.55 0.15
N CYS A 152 17.82 7.94 -0.58
CA CYS A 152 18.92 8.68 0.02
C CYS A 152 18.51 10.13 0.26
N THR A 153 18.65 10.60 1.50
CA THR A 153 18.28 11.97 1.80
C THR A 153 19.29 12.96 1.26
N SER A 154 20.42 12.50 0.70
CA SER A 154 21.38 13.37 0.03
C SER A 154 21.26 13.32 -1.49
N CYS A 155 21.40 12.16 -2.11
CA CYS A 155 21.40 12.13 -3.57
C CYS A 155 20.03 11.80 -4.17
N GLY A 156 19.06 11.41 -3.34
CA GLY A 156 17.72 11.07 -3.80
C GLY A 156 17.57 9.75 -4.53
N VAL A 157 18.61 8.93 -4.59
CA VAL A 157 18.48 7.66 -5.31
C VAL A 157 17.51 6.75 -4.56
N VAL A 158 16.64 6.08 -5.30
CA VAL A 158 15.71 5.12 -4.74
C VAL A 158 16.21 3.72 -5.07
N ALA A 159 16.24 2.85 -4.07
CA ALA A 159 16.74 1.49 -4.26
C ALA A 159 15.85 0.49 -3.56
N GLU A 160 15.77 -0.71 -4.16
CA GLU A 160 15.17 -1.88 -3.50
C GLU A 160 16.05 -2.30 -2.33
N ASN A 161 15.42 -2.76 -1.26
CA ASN A 161 16.15 -3.25 -0.11
C ASN A 161 15.28 -4.24 0.66
N TYR A 162 15.61 -5.52 0.53
CA TYR A 162 14.99 -6.59 1.29
C TYR A 162 15.91 -7.21 2.32
N LYS A 163 17.04 -6.57 2.64
CA LYS A 163 18.01 -7.18 3.55
C LYS A 163 17.44 -7.24 4.98
N SER A 164 17.54 -8.43 5.57
CA SER A 164 17.13 -8.71 6.94
C SER A 164 18.39 -8.95 7.81
N PRO A 165 18.77 -8.00 8.69
CA PRO A 165 18.28 -6.65 8.94
C PRO A 165 18.80 -5.68 7.90
N ILE A 166 18.15 -4.52 7.73
CA ILE A 166 18.61 -3.54 6.74
C ILE A 166 19.99 -2.98 7.06
N CYS A 167 20.36 -2.91 8.34
CA CYS A 167 21.75 -2.68 8.72
C CYS A 167 22.05 -3.42 10.01
N PRO A 168 23.31 -3.63 10.34
CA PRO A 168 23.65 -4.45 11.51
C PRO A 168 23.15 -3.87 12.82
N ALA A 169 23.22 -2.54 12.99
CA ALA A 169 22.84 -1.91 14.23
C ALA A 169 21.36 -2.13 14.57
N LEU A 170 20.53 -2.42 13.58
CA LEU A 170 19.11 -2.58 13.80
C LEU A 170 18.75 -4.02 14.09
N SER A 171 19.72 -4.94 14.02
CA SER A 171 19.47 -6.33 14.38
C SER A 171 18.91 -6.43 15.79
N GLY A 172 17.71 -6.98 15.91
CA GLY A 172 17.04 -7.14 17.20
C GLY A 172 16.38 -5.90 17.75
N LYS A 173 16.41 -4.80 17.02
CA LYS A 173 15.76 -3.57 17.43
C LYS A 173 14.36 -3.47 16.86
N GLY A 174 13.68 -2.39 17.19
CA GLY A 174 12.33 -2.24 16.70
C GLY A 174 11.27 -2.99 17.49
N ALA A 175 11.61 -3.60 18.63
CA ALA A 175 10.60 -4.31 19.41
C ALA A 175 9.39 -3.39 19.65
N PRO A 176 8.15 -3.88 19.45
CA PRO A 176 6.97 -3.04 19.61
C PRO A 176 6.38 -2.89 21.00
N GLU A 177 6.85 -3.66 21.97
CA GLU A 177 6.22 -3.68 23.29
C GLU A 177 6.30 -2.29 23.92
N PRO A 178 5.19 -1.77 24.47
CA PRO A 178 5.30 -0.56 25.31
C PRO A 178 6.30 -0.80 26.42
N GLY A 179 7.15 0.19 26.64
CA GLY A 179 8.24 0.04 27.57
C GLY A 179 9.59 -0.26 26.96
N THR A 180 9.64 -0.61 25.67
CA THR A 180 10.93 -0.79 25.01
C THR A 180 11.67 0.56 24.91
N GLN A 181 12.95 0.55 25.25
CA GLN A 181 13.76 1.76 25.13
C GLN A 181 14.17 2.01 23.68
N ASP A 182 14.34 3.29 23.35
CA ASP A 182 14.99 3.70 22.12
C ASP A 182 16.31 2.94 21.95
N ALA A 183 16.55 2.40 20.75
CA ALA A 183 17.86 1.85 20.45
C ALA A 183 18.93 2.94 20.42
N SER A 184 18.54 4.17 20.08
CA SER A 184 19.44 5.33 20.06
C SER A 184 20.70 5.05 19.25
N ILE A 185 20.50 4.59 18.02
CA ILE A 185 21.62 4.23 17.17
C ILE A 185 22.21 5.51 16.57
N PRO A 186 23.52 5.72 16.66
CA PRO A 186 24.09 6.91 16.03
C PRO A 186 23.82 6.91 14.53
N VAL A 187 23.53 8.11 14.03
CA VAL A 187 23.07 8.31 12.67
C VAL A 187 24.03 7.68 11.67
N GLU A 188 25.31 7.58 12.03
CA GLU A 188 26.31 6.96 11.15
C GLU A 188 26.10 5.45 11.02
N LYS A 189 25.55 4.79 12.03
CA LYS A 189 25.31 3.34 11.98
C LYS A 189 23.90 2.98 11.50
N LEU A 190 23.06 3.96 11.16
CA LEU A 190 21.79 3.73 10.50
C LEU A 190 22.05 3.46 9.02
N PRO A 191 21.03 3.03 8.27
CA PRO A 191 21.27 2.60 6.89
C PRO A 191 21.77 3.76 6.02
N ARG A 192 22.86 3.50 5.31
CA ARG A 192 23.56 4.51 4.55
C ARG A 192 23.48 4.21 3.08
N CYS A 193 23.54 5.26 2.29
CA CYS A 193 23.52 5.14 0.84
C CYS A 193 24.78 4.42 0.39
N GLU A 194 24.59 3.44 -0.50
CA GLU A 194 25.67 2.66 -1.08
C GLU A 194 26.05 3.14 -2.50
N GLU A 195 25.47 4.23 -2.98
CA GLU A 195 25.92 4.79 -4.23
C GLU A 195 27.37 5.26 -4.08
N ALA A 196 28.20 4.90 -5.06
CA ALA A 196 29.60 5.34 -5.05
C ALA A 196 29.68 6.85 -4.84
N GLY A 197 30.39 7.24 -3.78
CA GLY A 197 30.61 8.64 -3.52
C GLY A 197 29.47 9.38 -2.88
N CYS A 198 28.54 8.70 -2.23
CA CYS A 198 27.46 9.40 -1.54
C CYS A 198 27.50 9.14 -0.04
N GLY A 199 27.14 7.94 0.42
CA GLY A 199 27.14 7.65 1.86
C GLY A 199 26.19 8.46 2.74
N GLY A 200 25.18 9.12 2.18
CA GLY A 200 24.22 9.83 3.01
C GLY A 200 23.27 8.91 3.79
N LEU A 201 22.46 9.54 4.65
CA LEU A 201 21.51 8.81 5.48
C LEU A 201 20.28 8.40 4.66
N LEU A 202 20.00 7.10 4.60
CA LEU A 202 18.78 6.61 3.96
C LEU A 202 17.57 6.88 4.84
N ARG A 203 16.45 7.14 4.18
CA ARG A 203 15.14 7.11 4.79
C ARG A 203 14.35 6.02 4.09
N PRO A 204 13.30 5.54 4.72
CA PRO A 204 12.29 4.75 4.00
C PRO A 204 11.72 5.54 2.83
N HIS A 205 11.62 4.88 1.69
CA HIS A 205 11.00 5.48 0.52
C HIS A 205 9.49 5.30 0.65
N VAL A 206 8.94 6.03 1.63
CA VAL A 206 7.51 6.02 1.87
C VAL A 206 7.04 7.47 2.00
N VAL A 207 5.82 7.70 1.58
CA VAL A 207 5.22 9.01 1.72
C VAL A 207 4.83 9.19 3.18
N TRP A 208 5.36 10.22 3.81
CA TRP A 208 5.00 10.48 5.20
C TRP A 208 3.80 11.44 5.29
N PHE A 209 3.23 11.47 6.49
CA PHE A 209 2.22 12.47 6.79
C PHE A 209 2.79 13.86 6.52
N GLY A 210 2.03 14.68 5.80
CA GLY A 210 2.45 16.01 5.49
C GLY A 210 3.34 16.11 4.29
N GLU A 211 3.37 15.08 3.45
CA GLU A 211 4.27 15.06 2.32
C GLU A 211 3.48 14.92 1.03
N ASN A 212 4.12 15.40 -0.03
CA ASN A 212 3.61 15.29 -1.39
C ASN A 212 3.70 13.85 -1.91
N LEU A 213 2.66 13.37 -2.60
CA LEU A 213 2.80 12.22 -3.49
C LEU A 213 3.76 12.52 -4.63
N ASP A 214 4.45 11.47 -5.08
CA ASP A 214 5.35 11.55 -6.22
C ASP A 214 4.57 11.96 -7.46
N PRO A 215 4.94 13.05 -8.13
CA PRO A 215 4.08 13.56 -9.21
C PRO A 215 4.04 12.64 -10.43
N ALA A 216 5.13 11.93 -10.72
CA ALA A 216 5.10 10.95 -11.80
C ALA A 216 4.10 9.85 -11.51
N ILE A 217 3.98 9.43 -10.25
CA ILE A 217 2.99 8.42 -9.88
C ILE A 217 1.59 9.00 -10.08
N LEU A 218 1.36 10.22 -9.59
CA LEU A 218 0.06 10.86 -9.76
C LEU A 218 -0.31 10.94 -11.22
N GLU A 219 0.66 11.30 -12.06
CA GLU A 219 0.40 11.38 -13.49
C GLU A 219 -0.01 10.03 -14.04
N GLU A 220 0.71 8.96 -13.66
CA GLU A 220 0.31 7.61 -14.07
C GLU A 220 -1.07 7.24 -13.53
N VAL A 221 -1.32 7.48 -12.24
CA VAL A 221 -2.67 7.30 -11.70
C VAL A 221 -3.68 8.01 -12.60
N ASP A 222 -3.45 9.28 -12.91
CA ASP A 222 -4.49 10.01 -13.61
C ASP A 222 -4.75 9.44 -15.01
N ARG A 223 -3.71 9.01 -15.71
CA ARG A 223 -3.92 8.35 -17.00
C ARG A 223 -4.77 7.09 -16.84
N GLU A 224 -4.58 6.30 -15.76
CA GLU A 224 -5.35 5.05 -15.64
C GLU A 224 -6.81 5.37 -15.34
N LEU A 225 -7.04 6.27 -14.40
CA LEU A 225 -8.39 6.71 -14.09
C LEU A 225 -9.08 7.25 -15.34
N ALA A 226 -8.32 7.91 -16.22
CA ALA A 226 -8.92 8.48 -17.42
C ALA A 226 -9.32 7.43 -18.43
N HIS A 227 -8.61 6.31 -18.51
CA HIS A 227 -8.88 5.37 -19.59
C HIS A 227 -9.71 4.18 -19.15
N CYS A 228 -9.88 3.97 -17.85
CA CYS A 228 -10.52 2.73 -17.43
C CYS A 228 -12.01 2.71 -17.78
N ASP A 229 -12.55 1.50 -17.96
CA ASP A 229 -13.98 1.31 -18.12
C ASP A 229 -14.62 0.61 -16.92
N LEU A 230 -13.87 0.33 -15.86
CA LEU A 230 -14.40 -0.29 -14.64
C LEU A 230 -13.44 0.02 -13.51
N CYS A 231 -13.99 0.38 -12.34
CA CYS A 231 -13.17 0.75 -11.21
C CYS A 231 -13.61 0.03 -9.93
N LEU A 232 -12.65 -0.60 -9.26
CA LEU A 232 -12.91 -1.29 -8.01
C LEU A 232 -12.20 -0.55 -6.89
N VAL A 233 -12.90 -0.45 -5.76
CA VAL A 233 -12.39 0.15 -4.54
C VAL A 233 -12.53 -0.96 -3.50
N VAL A 234 -11.41 -1.45 -3.01
CA VAL A 234 -11.38 -2.61 -2.14
C VAL A 234 -10.67 -2.27 -0.85
N GLY A 235 -11.28 -2.68 0.26
CA GLY A 235 -10.61 -2.55 1.54
C GLY A 235 -10.51 -1.14 1.99
N THR A 236 -11.40 -0.29 1.50
CA THR A 236 -11.48 1.09 1.96
C THR A 236 -12.77 1.69 1.41
N SER A 237 -13.00 2.92 1.76
CA SER A 237 -14.22 3.61 1.40
C SER A 237 -13.94 4.58 0.27
N SER A 238 -14.84 4.58 -0.69
CA SER A 238 -14.77 5.50 -1.81
C SER A 238 -14.79 6.97 -1.37
N VAL A 239 -15.19 7.25 -0.13
CA VAL A 239 -15.50 8.60 0.32
C VAL A 239 -14.37 9.23 1.13
N VAL A 240 -13.27 8.51 1.37
CA VAL A 240 -12.18 8.96 2.21
C VAL A 240 -10.89 8.84 1.41
N TYR A 241 -9.87 9.57 1.86
CA TYR A 241 -8.54 9.45 1.29
C TYR A 241 -8.09 8.00 1.41
N PRO A 242 -7.50 7.42 0.32
CA PRO A 242 -7.12 8.02 -0.97
C PRO A 242 -8.13 7.81 -2.12
N ALA A 243 -9.09 6.90 -1.95
CA ALA A 243 -10.00 6.58 -3.04
C ALA A 243 -10.88 7.76 -3.40
N ALA A 244 -11.21 8.61 -2.43
CA ALA A 244 -11.96 9.82 -2.74
C ALA A 244 -11.27 10.68 -3.79
N MET A 245 -9.94 10.55 -3.94
CA MET A 245 -9.19 11.33 -4.94
C MET A 245 -9.40 10.79 -6.34
N PHE A 246 -9.85 9.54 -6.45
CA PHE A 246 -9.79 8.79 -7.69
C PHE A 246 -11.16 8.36 -8.20
N ALA A 247 -11.98 7.73 -7.35
CA ALA A 247 -13.25 7.16 -7.80
C ALA A 247 -14.24 8.20 -8.31
N PRO A 248 -14.42 9.35 -7.67
CA PRO A 248 -15.42 10.30 -8.16
C PRO A 248 -15.21 10.74 -9.60
N GLN A 249 -13.98 10.99 -10.03
CA GLN A 249 -13.86 11.43 -11.42
C GLN A 249 -14.04 10.28 -12.39
N VAL A 250 -13.83 9.05 -11.94
CA VAL A 250 -14.18 7.90 -12.75
C VAL A 250 -15.69 7.78 -12.82
N ALA A 251 -16.36 7.93 -11.67
CA ALA A 251 -17.81 7.87 -11.68
C ALA A 251 -18.42 9.03 -12.46
N ALA A 252 -17.76 10.19 -12.46
CA ALA A 252 -18.27 11.36 -13.17
C ALA A 252 -18.35 11.12 -14.67
N ARG A 253 -17.39 10.35 -15.24
CA ARG A 253 -17.44 9.95 -16.65
C ARG A 253 -18.45 8.86 -16.94
N GLY A 254 -19.24 8.40 -15.95
CA GLY A 254 -20.20 7.34 -16.18
C GLY A 254 -19.66 5.92 -16.08
N VAL A 255 -18.41 5.75 -15.66
CA VAL A 255 -17.82 4.43 -15.51
C VAL A 255 -18.32 3.81 -14.20
N PRO A 256 -18.77 2.57 -14.22
CA PRO A 256 -19.24 1.96 -12.97
C PRO A 256 -18.12 1.84 -11.96
N VAL A 257 -18.47 2.08 -10.70
CA VAL A 257 -17.56 1.93 -9.56
C VAL A 257 -18.16 0.90 -8.61
N ALA A 258 -17.37 -0.09 -8.22
CA ALA A 258 -17.83 -1.16 -7.33
C ALA A 258 -16.94 -1.19 -6.10
N GLU A 259 -17.57 -1.05 -4.94
CA GLU A 259 -16.89 -0.96 -3.66
C GLU A 259 -17.00 -2.29 -2.93
N PHE A 260 -15.86 -2.78 -2.43
CA PHE A 260 -15.79 -4.03 -1.65
C PHE A 260 -15.14 -3.69 -0.33
N ASN A 261 -15.93 -3.60 0.73
CA ASN A 261 -15.36 -3.34 2.05
C ASN A 261 -16.28 -3.94 3.11
N THR A 262 -15.89 -3.74 4.37
CA THR A 262 -16.61 -4.27 5.52
C THR A 262 -17.55 -3.24 6.14
N GLU A 263 -17.83 -2.13 5.47
CA GLU A 263 -18.85 -1.20 5.92
C GLU A 263 -20.23 -1.73 5.65
N THR A 264 -21.20 -1.10 6.30
CA THR A 264 -22.62 -1.28 6.02
C THR A 264 -23.09 0.00 5.34
N THR A 265 -22.74 0.12 4.05
CA THR A 265 -22.94 1.35 3.27
C THR A 265 -22.73 2.58 4.13
N PHE A 271 -22.51 5.59 -6.44
CA PHE A 271 -21.82 4.46 -7.08
C PHE A 271 -22.70 3.25 -7.33
N ARG A 272 -22.27 2.42 -8.30
CA ARG A 272 -23.15 1.38 -8.82
C ARG A 272 -23.22 0.15 -7.94
N PHE A 273 -22.13 -0.21 -7.23
CA PHE A 273 -22.14 -1.44 -6.46
C PHE A 273 -21.45 -1.25 -5.12
N HIS A 274 -21.99 -1.94 -4.12
CA HIS A 274 -21.32 -2.10 -2.82
C HIS A 274 -21.52 -3.53 -2.37
N PHE A 275 -20.42 -4.23 -2.10
CA PHE A 275 -20.42 -5.61 -1.66
C PHE A 275 -19.79 -5.68 -0.28
N GLN A 276 -20.58 -6.00 0.73
CA GLN A 276 -20.12 -5.96 2.10
C GLN A 276 -19.38 -7.24 2.43
N GLY A 277 -18.31 -7.13 3.21
CA GLY A 277 -17.57 -8.29 3.63
C GLY A 277 -16.07 -8.18 3.45
N PRO A 278 -15.33 -9.09 4.08
CA PRO A 278 -13.90 -9.16 3.80
C PRO A 278 -13.66 -9.35 2.31
N CYS A 279 -12.70 -8.58 1.80
CA CYS A 279 -12.26 -8.71 0.41
C CYS A 279 -11.90 -10.13 0.05
N GLY A 280 -11.27 -10.83 0.98
CA GLY A 280 -10.90 -12.21 0.71
C GLY A 280 -12.09 -13.13 0.52
N THR A 281 -13.30 -12.69 0.89
CA THR A 281 -14.50 -13.49 0.68
C THR A 281 -15.21 -13.13 -0.61
N THR A 282 -15.33 -11.85 -0.88
CA THR A 282 -16.07 -11.38 -2.05
C THR A 282 -15.22 -11.35 -3.32
N LEU A 283 -13.94 -11.01 -3.24
CA LEU A 283 -13.21 -10.78 -4.50
C LEU A 283 -12.99 -12.05 -5.31
N PRO A 284 -12.75 -13.20 -4.69
CA PRO A 284 -12.55 -14.40 -5.50
C PRO A 284 -13.74 -14.71 -6.38
N GLU A 285 -14.96 -14.53 -5.85
CA GLU A 285 -16.15 -14.69 -6.66
C GLU A 285 -16.26 -13.57 -7.68
N ALA A 286 -16.10 -12.32 -7.25
CA ALA A 286 -16.33 -11.21 -8.17
C ALA A 286 -15.40 -11.28 -9.37
N LEU A 287 -14.14 -11.69 -9.17
CA LEU A 287 -13.13 -11.59 -10.20
C LEU A 287 -12.85 -12.91 -10.87
N ALA A 288 -13.70 -13.90 -10.64
CA ALA A 288 -13.52 -15.24 -11.21
C ALA A 288 -13.49 -15.20 -12.72
#